data_1FCY
#
_entry.id   1FCY
#
_cell.length_a   59.849
_cell.length_b   59.849
_cell.length_c   155.158
_cell.angle_alpha   90.00
_cell.angle_beta   90.00
_cell.angle_gamma   90.00
#
_symmetry.space_group_name_H-M   'P 41 21 2'
#
loop_
_entity.id
_entity.type
_entity.pdbx_description
1 polymer 'RETINOIC ACID RECEPTOR GAMMA-1'
2 non-polymer '6-(5,5,8,8-TETRAMETHYL-5,6,7,8-TETRAHYDRO-NAPHTALENE-2-CARBONYL)-NAPHTALENE-2-CARBOXYLIC ACID'
3 non-polymer DODECYL-ALPHA-D-MALTOSIDE
4 water water
#
_entity_poly.entity_id   1
_entity_poly.type   'polypeptide(L)'
_entity_poly.pdbx_seq_one_letter_code
;ASPQLEELITKVSKAHQETFPSLCQLGKYTTNSSADHRVQLDLGLWDKFSELATKCIIKIVEFAKRLPGFTGLSIADQIT
LLKAACLDILMLRICTRYTPEQDTMTFSDGLTLNRTQMHNAGFGPLTDLVFAFAGQLLPLEMDDTETGLLSAICLICGDR
MDLEEPEKVDKLQEPLLEALRLYARRRRPSQPYMFPRMLMKITDLRGISTKGAERAITLKMEIPGPMPPLIREMLE
;
_entity_poly.pdbx_strand_id   A
#
loop_
_chem_comp.id
_chem_comp.type
_chem_comp.name
_chem_comp.formula
564 non-polymer '6-(5,5,8,8-TETRAMETHYL-5,6,7,8-TETRAHYDRO-NAPHTALENE-2-CARBONYL)-NAPHTALENE-2-CARBOXYLIC ACID' 'C26 H26 O3'
LMU D-saccharide DODECYL-ALPHA-D-MALTOSIDE 'C24 H46 O11'
#
# COMPACT_ATOMS: atom_id res chain seq x y z
N ALA A 1 -3.30 -7.71 28.57
CA ALA A 1 -3.53 -6.34 29.04
C ALA A 1 -4.89 -5.86 28.59
N SER A 2 -5.33 -5.74 27.37
CA SER A 2 -6.64 -5.17 27.15
C SER A 2 -7.41 -5.95 26.09
N PRO A 3 -8.56 -6.51 26.48
CA PRO A 3 -9.36 -7.29 25.50
C PRO A 3 -9.74 -6.48 24.28
N GLN A 4 -10.05 -5.19 24.43
CA GLN A 4 -10.43 -4.29 23.39
C GLN A 4 -9.33 -4.14 22.36
N LEU A 5 -8.12 -4.05 22.85
CA LEU A 5 -6.96 -3.92 21.92
C LEU A 5 -6.71 -5.21 21.17
N GLU A 6 -6.90 -6.35 21.86
CA GLU A 6 -6.71 -7.63 21.18
C GLU A 6 -7.73 -7.74 20.05
N GLU A 7 -8.98 -7.35 20.31
CA GLU A 7 -10.03 -7.42 19.30
C GLU A 7 -9.73 -6.52 18.11
N LEU A 8 -9.15 -5.35 18.38
CA LEU A 8 -8.78 -4.43 17.32
C LEU A 8 -7.72 -5.07 16.40
N ILE A 9 -6.74 -5.71 17.05
CA ILE A 9 -5.70 -6.39 16.26
C ILE A 9 -6.35 -7.42 15.33
N THR A 10 -7.22 -8.26 15.84
CA THR A 10 -7.89 -9.36 15.15
C THR A 10 -8.70 -8.74 13.99
N LYS A 11 -9.44 -7.66 14.30
CA LYS A 11 -10.27 -7.03 13.28
C LYS A 11 -9.44 -6.46 12.12
N VAL A 12 -8.36 -5.78 12.45
CA VAL A 12 -7.56 -5.16 11.39
C VAL A 12 -6.84 -6.25 10.59
N SER A 13 -6.32 -7.25 11.27
CA SER A 13 -5.68 -8.35 10.58
C SER A 13 -6.62 -9.03 9.61
N LYS A 14 -7.81 -9.36 10.05
CA LYS A 14 -8.80 -10.01 9.14
C LYS A 14 -9.18 -9.10 7.99
N ALA A 15 -9.36 -7.79 8.25
CA ALA A 15 -9.72 -6.89 7.17
C ALA A 15 -8.63 -6.82 6.09
N HIS A 16 -7.40 -6.82 6.55
CA HIS A 16 -6.27 -6.84 5.61
C HIS A 16 -6.26 -8.11 4.79
N GLN A 17 -6.33 -9.22 5.50
CA GLN A 17 -6.20 -10.50 4.76
C GLN A 17 -7.34 -10.64 3.77
N GLU A 18 -8.53 -10.20 4.15
CA GLU A 18 -9.72 -10.39 3.29
C GLU A 18 -9.76 -9.40 2.16
N THR A 19 -8.91 -8.39 2.16
CA THR A 19 -8.80 -7.44 1.04
C THR A 19 -7.46 -7.51 0.32
N PHE A 20 -6.59 -8.42 0.72
CA PHE A 20 -5.23 -8.49 0.22
C PHE A 20 -4.63 -9.87 0.42
N PRO A 21 -4.81 -10.74 -0.57
CA PRO A 21 -4.21 -12.08 -0.42
C PRO A 21 -2.68 -12.08 -0.26
N SER A 22 -2.21 -13.11 0.48
CA SER A 22 -0.79 -13.22 0.73
C SER A 22 -0.20 -13.87 -0.52
N LEU A 23 1.08 -13.54 -0.66
CA LEU A 23 1.90 -13.99 -1.79
C LEU A 23 1.77 -15.51 -1.87
N CYS A 24 1.82 -16.12 -0.68
CA CYS A 24 1.78 -17.57 -0.62
C CYS A 24 0.47 -18.18 -1.13
N GLN A 25 -0.63 -17.49 -1.03
CA GLN A 25 -1.96 -17.94 -1.39
C GLN A 25 -2.24 -17.77 -2.88
N LEU A 26 -1.36 -17.03 -3.58
CA LEU A 26 -1.69 -16.78 -4.99
C LEU A 26 -1.05 -17.71 -5.98
N GLY A 27 -1.80 -18.05 -7.02
CA GLY A 27 -1.30 -18.86 -8.10
C GLY A 27 -0.71 -17.88 -9.12
N LYS A 28 0.62 -17.92 -9.16
CA LYS A 28 1.38 -16.95 -9.94
C LYS A 28 1.24 -17.30 -11.42
N TYR A 29 1.22 -16.30 -12.27
CA TYR A 29 1.39 -16.54 -13.71
C TYR A 29 2.20 -15.38 -14.28
N THR A 30 2.72 -15.52 -15.50
CA THR A 30 3.58 -14.55 -16.10
C THR A 30 3.08 -14.09 -17.44
N THR A 31 3.75 -13.08 -17.99
CA THR A 31 3.55 -12.61 -19.35
C THR A 31 4.88 -12.49 -20.04
N ASN A 32 4.93 -12.65 -21.37
CA ASN A 32 6.19 -12.39 -22.08
C ASN A 32 6.23 -10.97 -22.64
N SER A 33 5.32 -10.09 -22.29
CA SER A 33 5.35 -8.74 -22.82
C SER A 33 6.56 -7.94 -22.32
N SER A 34 7.26 -7.35 -23.26
CA SER A 34 8.45 -6.53 -23.11
C SER A 34 9.29 -6.91 -21.90
N ALA A 35 9.74 -8.17 -21.91
CA ALA A 35 10.20 -8.84 -20.69
C ALA A 35 11.70 -8.64 -20.51
N ASP A 36 12.41 -8.38 -21.58
CA ASP A 36 13.87 -8.42 -21.50
C ASP A 36 14.52 -7.06 -21.76
N HIS A 37 13.77 -6.02 -22.16
CA HIS A 37 14.39 -4.70 -22.38
C HIS A 37 13.47 -3.59 -21.87
N ARG A 38 13.98 -2.57 -21.20
CA ARG A 38 13.18 -1.42 -20.78
C ARG A 38 12.85 -0.54 -21.99
N VAL A 39 11.62 -0.11 -22.01
CA VAL A 39 11.04 0.83 -22.93
C VAL A 39 10.27 1.91 -22.18
N GLN A 40 9.94 2.99 -22.88
CA GLN A 40 9.26 4.08 -22.22
C GLN A 40 7.96 3.62 -21.55
N LEU A 41 7.14 2.88 -22.30
CA LEU A 41 5.87 2.36 -21.80
C LEU A 41 5.38 1.26 -22.74
N ASP A 42 4.99 0.13 -22.18
CA ASP A 42 4.32 -0.93 -22.94
C ASP A 42 2.84 -0.81 -22.63
N LEU A 43 2.06 -0.45 -23.63
CA LEU A 43 0.65 -0.14 -23.38
C LEU A 43 -0.15 -1.35 -22.94
N GLY A 44 0.21 -2.54 -23.39
CA GLY A 44 -0.52 -3.73 -22.92
C GLY A 44 -0.24 -3.92 -21.41
N LEU A 45 1.02 -3.74 -20.97
CA LEU A 45 1.26 -3.85 -19.53
C LEU A 45 0.61 -2.69 -18.79
N TRP A 46 0.63 -1.49 -19.31
CA TRP A 46 -0.06 -0.38 -18.65
C TRP A 46 -1.53 -0.68 -18.48
N ASP A 47 -2.19 -1.19 -19.51
CA ASP A 47 -3.63 -1.46 -19.39
C ASP A 47 -3.88 -2.46 -18.31
N LYS A 48 -3.11 -3.54 -18.22
CA LYS A 48 -3.34 -4.48 -17.13
C LYS A 48 -2.99 -3.92 -15.77
N PHE A 49 -1.86 -3.21 -15.68
CA PHE A 49 -1.40 -2.60 -14.40
C PHE A 49 -2.46 -1.67 -13.84
N SER A 50 -2.96 -0.82 -14.74
CA SER A 50 -3.90 0.20 -14.31
C SER A 50 -5.23 -0.42 -13.93
N GLU A 51 -5.67 -1.47 -14.61
CA GLU A 51 -6.85 -2.20 -14.20
C GLU A 51 -6.69 -2.83 -12.81
N LEU A 52 -5.54 -3.43 -12.59
CA LEU A 52 -5.26 -4.02 -11.29
C LEU A 52 -5.18 -2.94 -10.21
N ALA A 53 -4.62 -1.77 -10.51
CA ALA A 53 -4.60 -0.66 -9.55
C ALA A 53 -6.03 -0.24 -9.18
N THR A 54 -6.92 -0.04 -10.16
CA THR A 54 -8.31 0.28 -9.84
C THR A 54 -8.91 -0.73 -8.87
N LYS A 55 -8.75 -2.02 -9.18
CA LYS A 55 -9.33 -3.04 -8.32
C LYS A 55 -8.77 -2.94 -6.89
N CYS A 56 -7.45 -2.71 -6.82
CA CYS A 56 -6.88 -2.57 -5.45
C CYS A 56 -7.30 -1.33 -4.71
N ILE A 57 -7.56 -0.22 -5.45
CA ILE A 57 -8.12 0.97 -4.80
C ILE A 57 -9.47 0.61 -4.14
N ILE A 58 -10.32 -0.11 -4.84
CA ILE A 58 -11.61 -0.51 -4.26
C ILE A 58 -11.37 -1.41 -3.07
N LYS A 59 -10.41 -2.30 -3.07
CA LYS A 59 -10.10 -3.14 -1.93
C LYS A 59 -9.57 -2.28 -0.77
N ILE A 60 -8.80 -1.24 -1.02
CA ILE A 60 -8.31 -0.39 0.06
C ILE A 60 -9.47 0.37 0.68
N VAL A 61 -10.42 0.86 -0.09
CA VAL A 61 -11.63 1.46 0.44
C VAL A 61 -12.38 0.46 1.32
N GLU A 62 -12.52 -0.78 0.85
CA GLU A 62 -13.21 -1.83 1.63
C GLU A 62 -12.49 -2.09 2.94
N PHE A 63 -11.16 -2.16 2.87
CA PHE A 63 -10.34 -2.30 4.07
C PHE A 63 -10.60 -1.15 5.05
N ALA A 64 -10.54 0.06 4.50
CA ALA A 64 -10.72 1.26 5.34
C ALA A 64 -12.04 1.20 6.09
N LYS A 65 -13.10 0.81 5.39
CA LYS A 65 -14.44 0.82 6.05
C LYS A 65 -14.59 -0.25 7.10
N ARG A 66 -13.69 -1.22 7.16
CA ARG A 66 -13.66 -2.20 8.22
C ARG A 66 -12.82 -1.80 9.41
N LEU A 67 -12.12 -0.66 9.32
CA LEU A 67 -11.33 -0.21 10.45
C LEU A 67 -12.22 0.43 11.49
N PRO A 68 -12.14 0.01 12.74
CA PRO A 68 -13.03 0.57 13.73
C PRO A 68 -12.99 2.11 13.77
N GLY A 69 -14.22 2.64 13.66
CA GLY A 69 -14.46 4.06 13.71
C GLY A 69 -14.36 4.80 12.42
N PHE A 70 -13.82 4.20 11.34
CA PHE A 70 -13.59 4.94 10.13
C PHE A 70 -14.90 5.48 9.55
N THR A 71 -15.96 4.63 9.56
CA THR A 71 -17.25 5.07 9.01
C THR A 71 -18.00 6.03 9.93
N GLY A 72 -17.50 6.24 11.13
CA GLY A 72 -18.03 7.32 11.97
C GLY A 72 -17.40 8.67 11.71
N LEU A 73 -16.34 8.77 10.89
CA LEU A 73 -15.85 10.06 10.39
C LEU A 73 -16.84 10.58 9.37
N SER A 74 -16.84 11.86 9.12
CA SER A 74 -17.67 12.39 8.04
C SER A 74 -17.27 11.75 6.70
N ILE A 75 -18.22 11.68 5.79
CA ILE A 75 -17.89 11.10 4.46
C ILE A 75 -16.81 11.92 3.77
N ALA A 76 -16.86 13.23 3.98
CA ALA A 76 -15.79 14.07 3.43
C ALA A 76 -14.43 13.69 3.99
N ASP A 77 -14.33 13.53 5.30
CA ASP A 77 -13.05 13.11 5.89
C ASP A 77 -12.63 11.70 5.44
N GLN A 78 -13.55 10.73 5.32
CA GLN A 78 -13.22 9.41 4.78
C GLN A 78 -12.55 9.57 3.42
N ILE A 79 -13.17 10.35 2.53
CA ILE A 79 -12.65 10.58 1.20
C ILE A 79 -11.31 11.32 1.24
N THR A 80 -11.16 12.34 2.07
CA THR A 80 -9.85 13.02 2.18
C THR A 80 -8.75 12.08 2.62
N LEU A 81 -9.03 11.24 3.62
CA LEU A 81 -8.00 10.31 4.06
C LEU A 81 -7.68 9.31 2.97
N LEU A 82 -8.66 8.76 2.28
CA LEU A 82 -8.40 7.80 1.21
C LEU A 82 -7.59 8.46 0.09
N LYS A 83 -7.96 9.67 -0.34
CA LYS A 83 -7.20 10.31 -1.38
C LYS A 83 -5.75 10.52 -0.95
N ALA A 84 -5.54 10.85 0.32
CA ALA A 84 -4.19 11.20 0.75
C ALA A 84 -3.30 9.98 0.92
N ALA A 85 -3.88 8.81 1.22
CA ALA A 85 -3.08 7.64 1.56
C ALA A 85 -3.15 6.48 0.53
N CYS A 86 -4.07 6.54 -0.41
CA CYS A 86 -4.23 5.32 -1.22
C CYS A 86 -2.97 5.00 -2.00
N LEU A 87 -2.25 5.99 -2.54
CA LEU A 87 -1.03 5.62 -3.28
C LEU A 87 0.03 5.02 -2.36
N ASP A 88 0.15 5.56 -1.15
CA ASP A 88 1.03 4.99 -0.15
C ASP A 88 0.71 3.53 0.07
N ILE A 89 -0.56 3.20 0.28
CA ILE A 89 -0.95 1.84 0.60
C ILE A 89 -0.81 0.93 -0.62
N LEU A 90 -1.14 1.42 -1.80
CA LEU A 90 -0.87 0.66 -3.03
C LEU A 90 0.62 0.25 -3.09
N MET A 91 1.51 1.25 -2.90
CA MET A 91 2.91 0.98 -3.03
C MET A 91 3.37 0.04 -1.94
N LEU A 92 2.92 0.21 -0.70
CA LEU A 92 3.28 -0.77 0.34
C LEU A 92 2.82 -2.17 -0.06
N ARG A 93 1.59 -2.28 -0.53
CA ARG A 93 1.02 -3.57 -0.90
C ARG A 93 1.88 -4.25 -1.97
N ILE A 94 2.21 -3.55 -3.05
CA ILE A 94 2.94 -4.24 -4.11
C ILE A 94 4.32 -4.67 -3.66
N CYS A 95 4.91 -3.77 -2.82
CA CYS A 95 6.24 -4.08 -2.32
C CYS A 95 6.25 -5.27 -1.33
N THR A 96 5.12 -5.54 -0.69
CA THR A 96 5.00 -6.71 0.17
C THR A 96 4.93 -7.98 -0.67
N ARG A 97 4.68 -7.86 -1.95
CA ARG A 97 4.54 -8.96 -2.89
C ARG A 97 5.81 -9.13 -3.73
N TYR A 98 6.94 -8.67 -3.23
CA TYR A 98 8.28 -8.81 -3.86
C TYR A 98 8.88 -10.15 -3.53
N THR A 99 9.32 -10.86 -4.55
CA THR A 99 10.01 -12.14 -4.43
C THR A 99 11.48 -11.88 -4.78
N PRO A 100 12.39 -11.77 -3.81
CA PRO A 100 13.73 -11.34 -4.16
C PRO A 100 14.46 -12.32 -5.09
N GLU A 101 14.20 -13.60 -4.93
CA GLU A 101 14.97 -14.59 -5.69
C GLU A 101 14.71 -14.47 -7.16
N GLN A 102 13.56 -13.99 -7.58
CA GLN A 102 13.22 -13.80 -8.96
C GLN A 102 13.13 -12.31 -9.33
N ASP A 103 13.33 -11.41 -8.37
CA ASP A 103 13.19 -9.98 -8.62
C ASP A 103 11.88 -9.63 -9.30
N THR A 104 10.80 -10.12 -8.76
CA THR A 104 9.44 -9.92 -9.29
C THR A 104 8.50 -9.30 -8.23
N MET A 105 7.40 -8.74 -8.71
CA MET A 105 6.26 -8.38 -7.85
C MET A 105 4.99 -9.06 -8.38
N THR A 106 4.13 -9.47 -7.46
CA THR A 106 2.93 -10.23 -7.79
C THR A 106 1.68 -9.45 -7.40
N PHE A 107 0.74 -9.30 -8.34
CA PHE A 107 -0.54 -8.66 -8.17
C PHE A 107 -1.62 -9.62 -7.68
N SER A 108 -2.79 -9.13 -7.37
CA SER A 108 -3.76 -9.96 -6.65
C SER A 108 -4.49 -10.98 -7.50
N ASP A 109 -4.32 -10.91 -8.79
CA ASP A 109 -4.80 -11.97 -9.68
C ASP A 109 -3.70 -13.00 -9.94
N GLY A 110 -2.54 -12.85 -9.32
CA GLY A 110 -1.40 -13.71 -9.53
C GLY A 110 -0.40 -13.24 -10.57
N LEU A 111 -0.72 -12.19 -11.30
CA LEU A 111 0.21 -11.71 -12.32
C LEU A 111 1.55 -11.35 -11.69
N THR A 112 2.63 -11.90 -12.24
CA THR A 112 3.95 -11.75 -11.64
C THR A 112 4.87 -11.13 -12.65
N LEU A 113 5.29 -9.91 -12.42
CA LEU A 113 6.05 -9.16 -13.37
C LEU A 113 7.50 -9.03 -12.90
N ASN A 114 8.43 -9.20 -13.81
CA ASN A 114 9.83 -8.92 -13.43
C ASN A 114 10.07 -7.42 -13.35
N ARG A 115 11.28 -7.02 -13.00
CA ARG A 115 11.56 -5.59 -12.76
C ARG A 115 11.43 -4.77 -14.00
N THR A 116 11.90 -5.32 -15.13
CA THR A 116 11.80 -4.67 -16.43
C THR A 116 10.33 -4.45 -16.78
N GLN A 117 9.48 -5.47 -16.51
CA GLN A 117 8.03 -5.33 -16.81
C GLN A 117 7.39 -4.32 -15.89
N MET A 118 7.77 -4.26 -14.62
CA MET A 118 7.26 -3.21 -13.72
C MET A 118 7.64 -1.84 -14.24
N HIS A 119 8.87 -1.69 -14.73
CA HIS A 119 9.29 -0.46 -15.38
C HIS A 119 8.37 -0.14 -16.55
N ASN A 120 8.17 -1.14 -17.42
CA ASN A 120 7.44 -0.96 -18.67
C ASN A 120 5.93 -0.80 -18.46
N ALA A 121 5.41 -1.20 -17.32
CA ALA A 121 4.00 -1.08 -17.03
C ALA A 121 3.62 0.33 -16.55
N GLY A 122 4.60 1.14 -16.17
CA GLY A 122 4.38 2.52 -15.83
C GLY A 122 5.33 3.06 -14.77
N PHE A 123 6.06 2.24 -14.01
CA PHE A 123 6.95 2.82 -13.02
C PHE A 123 8.06 3.67 -13.64
N GLY A 124 8.54 3.28 -14.85
CA GLY A 124 9.51 4.10 -15.51
C GLY A 124 10.72 4.37 -14.65
N PRO A 125 11.16 5.63 -14.61
CA PRO A 125 12.37 5.97 -13.84
C PRO A 125 12.26 5.77 -12.36
N LEU A 126 11.11 5.47 -11.80
CA LEU A 126 10.90 5.27 -10.35
C LEU A 126 11.09 3.81 -10.01
N THR A 127 11.24 2.95 -11.00
CA THR A 127 11.29 1.52 -10.77
C THR A 127 12.32 1.08 -9.75
N ASP A 128 13.57 1.49 -9.97
CA ASP A 128 14.60 0.90 -9.08
C ASP A 128 14.50 1.42 -7.66
N LEU A 129 14.07 2.68 -7.47
CA LEU A 129 13.88 3.15 -6.12
C LEU A 129 12.77 2.41 -5.39
N VAL A 130 11.69 2.07 -6.12
CA VAL A 130 10.60 1.27 -5.52
C VAL A 130 11.07 -0.12 -5.18
N PHE A 131 11.81 -0.79 -6.05
CA PHE A 131 12.38 -2.06 -5.74
C PHE A 131 13.34 -1.97 -4.55
N ALA A 132 14.09 -0.90 -4.41
CA ALA A 132 14.99 -0.77 -3.27
C ALA A 132 14.20 -0.62 -1.99
N PHE A 133 13.07 0.11 -2.04
CA PHE A 133 12.17 0.19 -0.87
C PHE A 133 11.70 -1.22 -0.53
N ALA A 134 11.26 -2.01 -1.51
CA ALA A 134 10.79 -3.37 -1.29
C ALA A 134 11.88 -4.20 -0.67
N GLY A 135 13.10 -4.06 -1.20
CA GLY A 135 14.20 -4.84 -0.65
C GLY A 135 14.46 -4.49 0.80
N GLN A 136 14.37 -3.21 1.15
CA GLN A 136 14.66 -2.81 2.55
C GLN A 136 13.48 -3.04 3.46
N LEU A 137 12.31 -3.50 2.97
CA LEU A 137 11.24 -4.01 3.81
C LEU A 137 11.53 -5.42 4.28
N LEU A 138 12.23 -6.18 3.46
CA LEU A 138 12.49 -7.57 3.79
C LEU A 138 13.12 -7.78 5.15
N PRO A 139 14.16 -7.08 5.55
CA PRO A 139 14.76 -7.42 6.85
C PRO A 139 13.80 -7.23 8.01
N LEU A 140 12.72 -6.46 7.80
CA LEU A 140 11.78 -6.32 8.90
C LEU A 140 10.93 -7.58 9.07
N GLU A 141 10.80 -8.42 8.06
CA GLU A 141 10.08 -9.67 8.14
C GLU A 141 8.71 -9.48 8.76
N MET A 142 8.00 -8.43 8.30
CA MET A 142 6.65 -8.15 8.81
C MET A 142 5.70 -9.24 8.42
N ASP A 143 4.72 -9.47 9.30
CA ASP A 143 3.68 -10.43 8.94
C ASP A 143 2.47 -9.65 8.47
N ASP A 144 1.41 -10.38 8.10
CA ASP A 144 0.26 -9.74 7.52
C ASP A 144 -0.46 -8.82 8.49
N THR A 145 -0.48 -9.23 9.78
CA THR A 145 -1.10 -8.39 10.78
C THR A 145 -0.39 -7.04 10.90
N GLU A 146 0.93 -7.05 10.92
CA GLU A 146 1.76 -5.85 10.97
C GLU A 146 1.57 -4.97 9.71
N THR A 147 1.53 -5.61 8.55
CA THR A 147 1.26 -4.86 7.33
C THR A 147 -0.11 -4.19 7.37
N GLY A 148 -1.11 -4.93 7.85
CA GLY A 148 -2.44 -4.35 7.95
C GLY A 148 -2.49 -3.18 8.95
N LEU A 149 -1.89 -3.39 10.13
CA LEU A 149 -1.87 -2.27 11.08
C LEU A 149 -1.12 -1.06 10.57
N LEU A 150 0.05 -1.28 9.95
CA LEU A 150 0.82 -0.16 9.40
C LEU A 150 0.01 0.59 8.35
N SER A 151 -0.68 -0.17 7.50
CA SER A 151 -1.53 0.42 6.48
C SER A 151 -2.61 1.29 7.10
N ALA A 152 -3.23 0.79 8.19
CA ALA A 152 -4.27 1.54 8.90
C ALA A 152 -3.69 2.82 9.49
N ILE A 153 -2.49 2.75 10.05
CA ILE A 153 -1.85 3.93 10.62
C ILE A 153 -1.51 4.98 9.57
N CYS A 154 -1.10 4.54 8.39
CA CYS A 154 -0.85 5.40 7.26
C CYS A 154 -2.13 6.14 6.83
N LEU A 155 -3.22 5.40 6.80
CA LEU A 155 -4.52 5.99 6.38
C LEU A 155 -5.12 6.94 7.39
N ILE A 156 -5.14 6.48 8.66
CA ILE A 156 -5.89 7.21 9.73
C ILE A 156 -4.89 8.12 10.37
N CYS A 157 -4.74 9.29 9.71
CA CYS A 157 -3.70 10.26 10.00
CA CYS A 157 -3.75 10.22 10.25
C CYS A 157 -4.31 11.65 10.11
N GLY A 158 -4.22 12.32 11.24
CA GLY A 158 -4.84 13.60 11.43
C GLY A 158 -4.18 14.81 10.83
N ASP A 159 -3.05 14.66 10.21
CA ASP A 159 -2.31 15.78 9.64
C ASP A 159 -2.74 16.08 8.21
N ARG A 160 -3.61 15.27 7.63
CA ARG A 160 -3.96 15.50 6.22
C ARG A 160 -4.68 16.82 6.08
N MET A 161 -4.28 17.54 5.04
CA MET A 161 -4.90 18.80 4.66
C MET A 161 -6.40 18.61 4.43
N ASP A 162 -7.16 19.58 4.89
CA ASP A 162 -8.59 19.76 4.69
C ASP A 162 -9.48 18.75 5.42
N LEU A 163 -8.94 18.06 6.44
CA LEU A 163 -9.83 17.31 7.31
C LEU A 163 -10.71 18.26 8.09
N GLU A 164 -11.97 17.87 8.28
CA GLU A 164 -12.93 18.60 9.11
C GLU A 164 -12.71 18.32 10.59
N GLU A 165 -12.33 17.09 10.90
CA GLU A 165 -12.21 16.73 12.31
C GLU A 165 -10.94 15.98 12.60
N PRO A 166 -9.85 16.74 12.47
CA PRO A 166 -8.55 16.08 12.59
C PRO A 166 -8.35 15.49 13.97
N GLU A 167 -8.89 16.08 15.05
CA GLU A 167 -8.74 15.51 16.40
C GLU A 167 -9.41 14.16 16.48
N LYS A 168 -10.57 14.04 15.83
CA LYS A 168 -11.26 12.75 15.85
C LYS A 168 -10.42 11.72 15.12
N VAL A 169 -9.74 12.09 14.03
CA VAL A 169 -8.89 11.15 13.27
C VAL A 169 -7.70 10.74 14.15
N ASP A 170 -7.08 11.72 14.83
CA ASP A 170 -6.01 11.37 15.75
C ASP A 170 -6.42 10.37 16.81
N LYS A 171 -7.64 10.55 17.38
CA LYS A 171 -8.07 9.58 18.38
C LYS A 171 -8.32 8.18 17.88
N LEU A 172 -8.72 8.09 16.60
CA LEU A 172 -8.82 6.78 15.97
C LEU A 172 -7.46 6.16 15.72
N GLN A 173 -6.43 6.97 15.45
CA GLN A 173 -5.11 6.43 15.18
C GLN A 173 -4.46 5.89 16.46
N GLU A 174 -4.76 6.47 17.61
CA GLU A 174 -4.04 6.08 18.82
C GLU A 174 -4.10 4.59 19.09
N PRO A 175 -5.25 3.94 19.11
CA PRO A 175 -5.23 2.48 19.43
C PRO A 175 -4.53 1.68 18.35
N LEU A 176 -4.48 2.12 17.11
CA LEU A 176 -3.78 1.36 16.08
C LEU A 176 -2.28 1.35 16.35
N LEU A 177 -1.75 2.52 16.80
CA LEU A 177 -0.34 2.59 17.18
C LEU A 177 -0.05 1.67 18.38
N GLU A 178 -0.92 1.75 19.37
CA GLU A 178 -0.79 0.88 20.54
C GLU A 178 -0.82 -0.59 20.14
N ALA A 179 -1.75 -0.93 19.27
CA ALA A 179 -1.91 -2.30 18.79
C ALA A 179 -0.66 -2.78 18.08
N LEU A 180 -0.09 -1.95 17.19
CA LEU A 180 1.07 -2.42 16.45
C LEU A 180 2.25 -2.62 17.40
N ARG A 181 2.49 -1.68 18.34
CA ARG A 181 3.62 -1.91 19.23
C ARG A 181 3.44 -3.17 20.04
N LEU A 182 2.26 -3.36 20.62
CA LEU A 182 1.98 -4.54 21.46
C LEU A 182 2.22 -5.81 20.66
N TYR A 183 1.65 -5.84 19.46
CA TYR A 183 1.74 -7.07 18.66
C TYR A 183 3.19 -7.32 18.26
N ALA A 184 3.90 -6.28 17.81
CA ALA A 184 5.25 -6.47 17.23
C ALA A 184 6.17 -6.94 18.33
N ARG A 185 6.10 -6.35 19.51
CA ARG A 185 6.97 -6.74 20.61
C ARG A 185 6.66 -8.12 21.12
N ARG A 186 5.39 -8.47 21.14
CA ARG A 186 4.99 -9.83 21.59
C ARG A 186 5.55 -10.86 20.63
N ARG A 187 5.48 -10.56 19.34
CA ARG A 187 5.85 -11.53 18.33
C ARG A 187 7.38 -11.73 18.33
N ARG A 188 8.12 -10.63 18.52
CA ARG A 188 9.56 -10.71 18.45
C ARG A 188 10.18 -9.89 19.53
N PRO A 189 10.11 -10.42 20.77
CA PRO A 189 10.56 -9.66 21.94
C PRO A 189 12.05 -9.35 21.91
N SER A 190 12.85 -10.10 21.17
CA SER A 190 14.28 -9.82 21.16
C SER A 190 14.71 -8.83 20.09
N GLN A 191 13.76 -8.22 19.36
CA GLN A 191 13.98 -7.22 18.35
C GLN A 191 13.19 -5.96 18.64
N PRO A 192 13.52 -5.26 19.71
CA PRO A 192 12.68 -4.14 20.13
C PRO A 192 12.73 -2.94 19.18
N TYR A 193 13.63 -2.86 18.20
CA TYR A 193 13.61 -1.74 17.29
C TYR A 193 12.63 -1.98 16.13
N MET A 194 11.92 -3.09 16.12
CA MET A 194 11.00 -3.34 15.00
C MET A 194 9.88 -2.35 14.93
N PHE A 195 9.23 -2.02 16.04
CA PHE A 195 8.16 -1.01 15.95
C PHE A 195 8.64 0.34 15.46
N PRO A 196 9.69 0.93 16.01
CA PRO A 196 10.12 2.24 15.46
C PRO A 196 10.56 2.10 14.02
N ARG A 197 11.20 1.02 13.64
CA ARG A 197 11.58 0.84 12.25
C ARG A 197 10.35 0.81 11.32
N MET A 198 9.32 0.11 11.79
CA MET A 198 8.07 0.08 10.99
C MET A 198 7.49 1.46 10.82
N LEU A 199 7.40 2.23 11.92
CA LEU A 199 6.84 3.60 11.79
C LEU A 199 7.67 4.44 10.85
N MET A 200 8.99 4.33 10.89
CA MET A 200 9.82 5.15 9.97
C MET A 200 9.61 4.74 8.55
N LYS A 201 9.17 3.52 8.25
CA LYS A 201 8.87 3.18 6.87
C LYS A 201 7.68 4.00 6.35
N ILE A 202 6.80 4.48 7.21
CA ILE A 202 5.72 5.32 6.71
C ILE A 202 6.28 6.59 6.09
N THR A 203 7.30 7.18 6.64
CA THR A 203 7.99 8.30 6.10
C THR A 203 8.65 7.98 4.75
N ASP A 204 9.33 6.83 4.66
CA ASP A 204 9.92 6.41 3.40
C ASP A 204 8.84 6.24 2.34
N LEU A 205 7.72 5.64 2.77
CA LEU A 205 6.61 5.38 1.87
C LEU A 205 6.05 6.69 1.34
N ARG A 206 5.90 7.71 2.20
CA ARG A 206 5.44 9.03 1.74
C ARG A 206 6.40 9.63 0.72
N GLY A 207 7.70 9.39 0.90
CA GLY A 207 8.65 9.91 -0.11
C GLY A 207 8.44 9.25 -1.47
N ILE A 208 8.23 7.93 -1.45
CA ILE A 208 8.09 7.24 -2.73
C ILE A 208 6.71 7.49 -3.30
N SER A 209 5.69 7.71 -2.48
CA SER A 209 4.37 8.09 -3.06
C SER A 209 4.38 9.50 -3.62
N THR A 210 5.16 10.40 -2.99
CA THR A 210 5.33 11.72 -3.63
C THR A 210 6.00 11.58 -4.99
N LYS A 211 7.04 10.77 -5.11
CA LYS A 211 7.68 10.53 -6.40
C LYS A 211 6.70 9.85 -7.34
N GLY A 212 5.80 8.98 -6.87
CA GLY A 212 4.81 8.32 -7.69
C GLY A 212 3.82 9.32 -8.26
N ALA A 213 3.39 10.32 -7.49
CA ALA A 213 2.55 11.36 -8.03
C ALA A 213 3.25 12.17 -9.12
N GLU A 214 4.57 12.37 -8.95
CA GLU A 214 5.31 13.06 -9.99
C GLU A 214 5.37 12.19 -11.25
N ARG A 215 5.60 10.90 -11.10
CA ARG A 215 5.64 9.96 -12.24
C ARG A 215 4.28 9.95 -12.94
N ALA A 216 3.17 10.05 -12.21
CA ALA A 216 1.83 10.06 -12.82
C ALA A 216 1.74 11.21 -13.83
N ILE A 217 2.33 12.36 -13.53
CA ILE A 217 2.27 13.51 -14.40
C ILE A 217 2.98 13.21 -15.71
N THR A 218 4.18 12.63 -15.67
CA THR A 218 4.86 12.33 -16.95
C THR A 218 4.21 11.14 -17.66
N LEU A 219 3.69 10.15 -16.93
CA LEU A 219 3.04 8.98 -17.53
C LEU A 219 1.81 9.37 -18.32
N LYS A 220 1.11 10.41 -17.82
CA LYS A 220 -0.09 10.85 -18.52
C LYS A 220 0.18 11.22 -19.96
N MET A 221 1.39 11.74 -20.22
CA MET A 221 1.73 12.21 -21.56
C MET A 221 2.16 11.07 -22.49
N GLU A 222 2.33 9.90 -21.89
CA GLU A 222 2.82 8.71 -22.60
C GLU A 222 1.67 7.82 -23.02
N ILE A 223 0.53 7.93 -22.36
CA ILE A 223 -0.59 7.03 -22.60
C ILE A 223 -1.62 7.63 -23.53
N PRO A 224 -2.30 6.87 -24.37
CA PRO A 224 -3.17 7.58 -25.32
C PRO A 224 -4.49 8.05 -24.79
N GLY A 225 -4.88 7.71 -23.58
CA GLY A 225 -6.08 8.39 -23.05
C GLY A 225 -5.88 8.79 -21.61
N PRO A 226 -6.93 9.26 -20.91
CA PRO A 226 -6.83 9.46 -19.46
C PRO A 226 -6.70 8.15 -18.71
N MET A 227 -6.12 8.37 -17.53
CA MET A 227 -6.01 7.30 -16.57
C MET A 227 -7.40 6.91 -16.06
N PRO A 228 -7.55 5.69 -15.57
CA PRO A 228 -8.83 5.25 -15.01
C PRO A 228 -9.33 6.21 -13.93
N PRO A 229 -10.66 6.36 -13.84
CA PRO A 229 -11.28 7.39 -13.00
C PRO A 229 -10.89 7.25 -11.53
N LEU A 230 -10.80 6.05 -10.96
CA LEU A 230 -10.45 5.96 -9.54
C LEU A 230 -8.99 6.34 -9.32
N ILE A 231 -8.12 6.11 -10.29
CA ILE A 231 -6.74 6.58 -10.22
C ILE A 231 -6.74 8.09 -10.23
N ARG A 232 -7.55 8.71 -11.13
CA ARG A 232 -7.58 10.16 -11.13
C ARG A 232 -8.10 10.70 -9.80
N GLU A 233 -9.10 10.05 -9.20
CA GLU A 233 -9.58 10.47 -7.88
C GLU A 233 -8.45 10.45 -6.84
N MET A 234 -7.63 9.44 -6.89
CA MET A 234 -6.53 9.30 -5.94
C MET A 234 -5.52 10.40 -6.10
N LEU A 235 -5.24 10.77 -7.36
CA LEU A 235 -4.23 11.75 -7.71
C LEU A 235 -4.61 13.20 -7.50
N GLU A 236 -5.91 13.46 -7.41
CA GLU A 236 -6.30 14.83 -7.15
C GLU A 236 -6.20 15.10 -5.64
C1 564 B . -2.87 -5.76 -6.36
C2 564 B . -2.08 -4.53 -6.44
C3 564 B . -1.35 -4.13 -5.28
C4 564 B . -0.61 -2.95 -5.34
C5 564 B . -0.55 -2.18 -6.52
C10 564 B . -1.27 -2.58 -7.65
C11 564 B . -2.04 -3.75 -7.60
C15 564 B . 1.61 4.05 -9.93
C16 564 B . 2.79 4.83 -10.49
C17 564 B . 2.35 6.12 -11.13
C18 564 B . 1.08 6.07 -11.88
C19 564 B . -0.10 5.62 -11.06
C20 564 B . 0.28 4.39 -10.19
C23 564 B . 3.48 3.94 -11.53
C24 564 B . 3.76 5.20 -9.38
C25 564 B . -1.08 5.19 -12.12
C26 564 B . -0.72 6.69 -10.16
O1 564 B . -3.11 -6.22 -5.28
O2 564 B . -3.25 -6.28 -7.49
C6 564 B . 0.22 -0.99 -6.59
C7 564 B . 0.28 -0.20 -7.74
C8 564 B . -0.46 -0.66 -8.85
C9 564 B . -1.22 -1.81 -8.81
C13 564 B . 0.81 2.18 -8.60
C14 564 B . 1.86 2.94 -9.14
C21 564 B . -0.77 3.64 -9.66
C22 564 B . -0.48 2.58 -8.90
C12 564 B . 1.11 1.03 -7.78
O3 564 B . 2.14 0.99 -7.06
C1B LMU C . -17.15 -5.27 -5.57
C2B LMU C . -16.46 -5.95 -4.36
C3B LMU C . -14.94 -5.75 -4.37
C4B LMU C . -14.49 -6.46 -5.63
C5B LMU C . -15.15 -5.74 -6.83
C6B LMU C . -14.89 -6.42 -8.18
O1B LMU C . -16.97 -3.84 -5.49
O2B LMU C . -17.07 -5.46 -3.20
O3B LMU C . -14.29 -6.43 -3.31
O4' LMU C . -13.12 -6.41 -5.68
O5B LMU C . -16.55 -5.77 -6.73
O6B LMU C . -15.20 -5.42 -9.11
C1' LMU C . -19.41 -0.64 -5.06
C2' LMU C . -19.93 -1.87 -4.28
C3' LMU C . -18.83 -2.91 -4.35
C4' LMU C . -18.17 -3.12 -5.71
C5' LMU C . -17.83 -1.80 -6.43
C6' LMU C . -17.43 -1.94 -7.91
O1' LMU C . -18.34 -0.14 -4.33
O2' LMU C . -20.22 -1.49 -2.93
O3' LMU C . -19.23 -4.06 -3.67
O5' LMU C . -19.02 -1.01 -6.38
O6' LMU C . -18.54 -2.42 -8.70
C1 LMU C . -18.36 1.28 -4.29
C2 LMU C . -16.94 1.74 -4.30
C3 LMU C . -16.63 2.99 -3.52
C4 LMU C . -15.21 3.39 -3.89
C5 LMU C . -15.08 4.87 -3.98
C6 LMU C . -13.65 5.30 -4.32
C7 LMU C . -13.47 6.76 -3.96
C8 LMU C . -12.65 7.03 -2.70
C9 LMU C . -11.35 7.75 -3.09
C10 LMU C . -10.52 6.88 -4.03
C11 LMU C . -9.19 7.58 -4.33
C12 LMU C . -8.18 6.96 -3.41
#